data_4IVW
#
_entry.id   4IVW
#
_cell.length_a   54.480
_cell.length_b   81.400
_cell.length_c   58.602
_cell.angle_alpha   90.00
_cell.angle_beta   109.82
_cell.angle_gamma   90.00
#
_symmetry.space_group_name_H-M   'P 1 21 1'
#
loop_
_entity.id
_entity.type
_entity.pdbx_description
1 polymer 'Estrogen receptor'
2 polymer 'Nuclear receptor coactivator 2'
3 non-polymer 4-[2-benzyl-7-(trifluoromethyl)-2H-indazol-3-yl]benzene-1,3-diol
4 water water
#
loop_
_entity_poly.entity_id
_entity_poly.type
_entity_poly.pdbx_seq_one_letter_code
_entity_poly.pdbx_strand_id
1 'polypeptide(L)'
;KNSLALSLTADQMVSALLDAEPPILYSEYDPTRPFSEASMMGLLTNLADRELVHMINWAKRVPGFVDLTLHDQVHLLECA
WLEILMIGLVWRSMEHPGKLLFAPNLLLDRNQGKCVEGMVEIFDMLLATSSRFRMMNLQGEEFVCLKSIILLNSGVYTFL
SSTLKSLEEKDHIHRVLDKITDTLIHLMAKAGLTLQQQHQRLAQLLLILSHIRHMSNKGMEHLYSMKCKNVVPLSDLLLE
MLDAHRL
;
A,B
2 'polypeptide(L)' HKILHRLLQD C,D
#
# COMPACT_ATOMS: atom_id res chain seq x y z
N LYS A 1 -15.74 27.45 -0.99
CA LYS A 1 -17.08 26.98 -1.34
C LYS A 1 -17.33 25.58 -0.80
N ASN A 2 -18.27 25.48 0.15
CA ASN A 2 -18.59 24.20 0.77
C ASN A 2 -18.95 23.12 -0.24
N SER A 3 -18.38 21.93 -0.05
CA SER A 3 -18.65 20.80 -0.94
C SER A 3 -19.93 20.06 -0.59
N LEU A 4 -20.74 19.77 -1.61
CA LEU A 4 -21.97 19.03 -1.41
C LEU A 4 -21.72 17.67 -0.77
N ALA A 5 -20.53 17.13 -1.01
CA ALA A 5 -20.19 15.79 -0.53
C ALA A 5 -20.36 15.61 0.98
N LEU A 6 -19.95 16.62 1.74
CA LEU A 6 -19.95 16.52 3.20
C LEU A 6 -21.34 16.65 3.80
N SER A 7 -22.29 17.12 2.99
CA SER A 7 -23.65 17.33 3.47
C SER A 7 -24.50 16.07 3.31
N LEU A 8 -23.99 15.12 2.53
CA LEU A 8 -24.68 13.85 2.32
C LEU A 8 -24.78 13.01 3.58
N THR A 9 -25.91 12.34 3.74
CA THR A 9 -26.05 11.33 4.78
C THR A 9 -25.30 10.07 4.34
N ALA A 10 -25.11 9.14 5.27
CA ALA A 10 -24.39 7.92 4.96
C ALA A 10 -25.12 7.16 3.87
N ASP A 11 -26.42 6.97 4.05
CA ASP A 11 -27.22 6.26 3.06
C ASP A 11 -27.16 6.95 1.70
N GLN A 12 -27.12 8.28 1.70
CA GLN A 12 -27.05 9.04 0.46
C GLN A 12 -25.70 8.82 -0.23
N MET A 13 -24.64 8.79 0.57
CA MET A 13 -23.30 8.58 0.05
C MET A 13 -23.26 7.21 -0.60
N VAL A 14 -23.81 6.22 0.09
CA VAL A 14 -23.88 4.86 -0.42
C VAL A 14 -24.69 4.76 -1.72
N SER A 15 -25.81 5.47 -1.79
CA SER A 15 -26.64 5.47 -3.00
C SER A 15 -25.87 6.09 -4.15
N ALA A 16 -25.23 7.22 -3.89
CA ALA A 16 -24.45 7.93 -4.90
C ALA A 16 -23.40 7.03 -5.53
N LEU A 17 -22.68 6.31 -4.67
CA LEU A 17 -21.60 5.44 -5.12
C LEU A 17 -22.12 4.21 -5.87
N LEU A 18 -23.21 3.62 -5.39
CA LEU A 18 -23.79 2.46 -6.06
C LEU A 18 -24.25 2.87 -7.45
N ASP A 19 -24.85 4.05 -7.52
CA ASP A 19 -25.40 4.57 -8.77
C ASP A 19 -24.29 4.91 -9.77
N ALA A 20 -23.12 5.30 -9.26
CA ALA A 20 -21.99 5.69 -10.09
C ALA A 20 -21.24 4.49 -10.69
N GLU A 21 -21.50 3.30 -10.17
CA GLU A 21 -20.81 2.08 -10.62
C GLU A 21 -20.79 1.94 -12.14
N PRO A 22 -19.60 1.72 -12.70
CA PRO A 22 -19.47 1.42 -14.13
C PRO A 22 -20.02 0.02 -14.35
N PRO A 23 -20.42 -0.30 -15.59
CA PRO A 23 -20.91 -1.65 -15.88
C PRO A 23 -19.77 -2.64 -16.06
N ILE A 24 -20.11 -3.93 -16.05
CA ILE A 24 -19.15 -4.97 -16.32
C ILE A 24 -19.06 -5.17 -17.83
N LEU A 25 -17.89 -4.86 -18.41
CA LEU A 25 -17.71 -4.95 -19.84
C LEU A 25 -17.37 -6.36 -20.27
N TYR A 26 -17.70 -6.72 -21.51
CA TYR A 26 -17.31 -8.02 -22.06
C TYR A 26 -16.02 -7.91 -22.85
N SER A 27 -15.33 -9.05 -23.01
CA SER A 27 -14.19 -9.13 -23.91
C SER A 27 -14.72 -9.56 -25.29
N GLU A 28 -13.83 -9.72 -26.26
CA GLU A 28 -14.25 -10.17 -27.60
C GLU A 28 -14.99 -11.50 -27.47
N TYR A 29 -15.85 -11.81 -28.43
CA TYR A 29 -16.62 -13.05 -28.37
C TYR A 29 -15.87 -14.29 -28.86
N ASP A 30 -14.61 -14.13 -29.25
CA ASP A 30 -13.77 -15.26 -29.62
C ASP A 30 -13.52 -16.13 -28.38
N PRO A 31 -13.88 -17.43 -28.46
CA PRO A 31 -13.80 -18.35 -27.32
C PRO A 31 -12.43 -19.00 -27.15
N THR A 32 -11.47 -18.55 -27.94
CA THR A 32 -10.10 -19.05 -27.83
C THR A 32 -9.50 -18.63 -26.50
N ARG A 33 -9.19 -19.60 -25.65
CA ARG A 33 -8.49 -19.33 -24.41
C ARG A 33 -7.09 -18.80 -24.72
N PRO A 34 -6.77 -17.60 -24.23
CA PRO A 34 -5.45 -17.02 -24.50
C PRO A 34 -4.33 -17.77 -23.80
N PHE A 35 -3.32 -18.16 -24.56
CA PHE A 35 -2.17 -18.88 -24.02
C PHE A 35 -0.87 -18.33 -24.59
N SER A 36 -0.80 -17.02 -24.69
CA SER A 36 0.41 -16.36 -25.18
C SER A 36 0.37 -14.92 -24.72
N GLU A 37 1.55 -14.30 -24.64
CA GLU A 37 1.65 -12.90 -24.30
C GLU A 37 0.76 -12.06 -25.20
N ALA A 38 0.91 -12.26 -26.50
CA ALA A 38 0.16 -11.53 -27.52
C ALA A 38 -1.36 -11.63 -27.30
N SER A 39 -1.87 -12.85 -27.19
CA SER A 39 -3.31 -13.05 -27.02
C SER A 39 -3.81 -12.41 -25.73
N MET A 40 -3.19 -12.80 -24.61
CA MET A 40 -3.63 -12.35 -23.30
C MET A 40 -3.56 -10.83 -23.15
N MET A 41 -2.39 -10.26 -23.42
CA MET A 41 -2.17 -8.83 -23.25
C MET A 41 -3.00 -8.04 -24.26
N GLY A 42 -3.22 -8.62 -25.42
CA GLY A 42 -4.12 -8.04 -26.41
C GLY A 42 -5.49 -7.82 -25.78
N LEU A 43 -6.06 -8.87 -25.23
CA LEU A 43 -7.39 -8.79 -24.63
C LEU A 43 -7.41 -7.89 -23.39
N LEU A 44 -6.37 -7.98 -22.56
CA LEU A 44 -6.31 -7.15 -21.35
C LEU A 44 -6.24 -5.66 -21.68
N THR A 45 -5.45 -5.33 -22.70
CA THR A 45 -5.31 -3.94 -23.13
C THR A 45 -6.63 -3.36 -23.63
N ASN A 46 -7.30 -4.09 -24.51
CA ASN A 46 -8.56 -3.65 -25.08
C ASN A 46 -9.57 -3.38 -23.98
N LEU A 47 -9.67 -4.32 -23.05
CA LEU A 47 -10.59 -4.22 -21.94
C LEU A 47 -10.26 -3.01 -21.06
N ALA A 48 -8.98 -2.87 -20.72
CA ALA A 48 -8.54 -1.78 -19.88
C ALA A 48 -8.82 -0.46 -20.56
N ASP A 49 -8.61 -0.43 -21.87
CA ASP A 49 -8.85 0.79 -22.63
C ASP A 49 -10.29 1.25 -22.50
N ARG A 50 -11.22 0.31 -22.65
CA ARG A 50 -12.64 0.66 -22.58
C ARG A 50 -13.06 0.97 -21.14
N GLU A 51 -12.55 0.20 -20.19
CA GLU A 51 -12.87 0.42 -18.79
C GLU A 51 -12.44 1.81 -18.33
N LEU A 52 -11.32 2.28 -18.85
CA LEU A 52 -10.82 3.61 -18.51
C LEU A 52 -11.84 4.72 -18.78
N VAL A 53 -12.52 4.65 -19.92
CA VAL A 53 -13.53 5.65 -20.26
C VAL A 53 -14.66 5.63 -19.21
N HIS A 54 -15.13 4.44 -18.84
CA HIS A 54 -16.13 4.34 -17.78
C HIS A 54 -15.58 4.79 -16.43
N MET A 55 -14.30 4.54 -16.18
CA MET A 55 -13.70 4.92 -14.90
C MET A 55 -13.66 6.43 -14.77
N ILE A 56 -13.34 7.11 -15.87
CA ILE A 56 -13.23 8.55 -15.84
C ILE A 56 -14.59 9.17 -15.52
N ASN A 57 -15.63 8.66 -16.16
CA ASN A 57 -16.97 9.15 -15.88
C ASN A 57 -17.47 8.72 -14.49
N TRP A 58 -17.00 7.58 -14.00
CA TRP A 58 -17.32 7.16 -12.63
C TRP A 58 -16.72 8.14 -11.62
N ALA A 59 -15.43 8.43 -11.78
CA ALA A 59 -14.74 9.30 -10.82
C ALA A 59 -15.46 10.64 -10.67
N LYS A 60 -15.95 11.20 -11.77
CA LYS A 60 -16.68 12.48 -11.71
C LYS A 60 -17.89 12.36 -10.82
N ARG A 61 -18.39 11.13 -10.63
CA ARG A 61 -19.62 10.95 -9.86
C ARG A 61 -19.37 10.58 -8.41
N VAL A 62 -18.09 10.45 -8.04
CA VAL A 62 -17.73 10.22 -6.64
C VAL A 62 -17.81 11.55 -5.89
N PRO A 63 -18.68 11.63 -4.88
CA PRO A 63 -18.87 12.88 -4.15
C PRO A 63 -17.53 13.50 -3.72
N GLY A 64 -17.35 14.78 -4.01
CA GLY A 64 -16.12 15.46 -3.64
C GLY A 64 -15.10 15.55 -4.75
N PHE A 65 -15.07 14.56 -5.63
CA PHE A 65 -14.12 14.56 -6.74
C PHE A 65 -14.33 15.80 -7.60
N VAL A 66 -15.60 16.10 -7.87
CA VAL A 66 -15.94 17.24 -8.73
C VAL A 66 -15.48 18.58 -8.15
N ASP A 67 -15.26 18.64 -6.83
CA ASP A 67 -14.90 19.92 -6.21
C ASP A 67 -13.41 20.20 -6.37
N LEU A 68 -12.68 19.17 -6.81
CA LEU A 68 -11.25 19.29 -7.07
C LEU A 68 -10.98 20.07 -8.37
N THR A 69 -9.85 20.79 -8.41
CA THR A 69 -9.40 21.37 -9.67
C THR A 69 -9.16 20.24 -10.70
N LEU A 70 -9.25 20.59 -11.97
CA LEU A 70 -9.03 19.63 -13.05
C LEU A 70 -7.69 18.94 -12.88
N HIS A 71 -6.65 19.73 -12.56
CA HIS A 71 -5.30 19.17 -12.42
C HIS A 71 -5.24 18.14 -11.32
N ASP A 72 -5.94 18.40 -10.21
CA ASP A 72 -5.96 17.45 -9.11
C ASP A 72 -6.70 16.17 -9.49
N GLN A 73 -7.80 16.31 -10.21
CA GLN A 73 -8.53 15.15 -10.67
C GLN A 73 -7.64 14.27 -11.56
N VAL A 74 -6.91 14.92 -12.47
CA VAL A 74 -6.00 14.22 -13.37
C VAL A 74 -4.93 13.45 -12.60
N HIS A 75 -4.31 14.14 -11.64
CA HIS A 75 -3.30 13.52 -10.79
C HIS A 75 -3.85 12.29 -10.06
N LEU A 76 -5.02 12.43 -9.45
CA LEU A 76 -5.61 11.32 -8.70
C LEU A 76 -5.90 10.11 -9.59
N LEU A 77 -6.42 10.38 -10.78
CA LEU A 77 -6.72 9.29 -11.72
C LEU A 77 -5.45 8.64 -12.26
N GLU A 78 -4.44 9.46 -12.56
CA GLU A 78 -3.14 8.96 -13.01
C GLU A 78 -2.50 8.04 -11.98
N CYS A 79 -2.54 8.46 -10.71
CA CYS A 79 -1.96 7.64 -9.64
C CYS A 79 -2.73 6.35 -9.44
N ALA A 80 -4.06 6.42 -9.52
CA ALA A 80 -4.93 5.36 -9.01
C ALA A 80 -5.47 4.37 -10.05
N TRP A 81 -5.36 4.68 -11.35
CA TRP A 81 -6.13 3.91 -12.34
C TRP A 81 -5.91 2.40 -12.26
N LEU A 82 -4.66 1.97 -12.08
CA LEU A 82 -4.39 0.52 -12.06
C LEU A 82 -4.94 -0.12 -10.79
N GLU A 83 -4.76 0.54 -9.65
CA GLU A 83 -5.36 0.04 -8.41
C GLU A 83 -6.87 -0.15 -8.60
N ILE A 84 -7.51 0.82 -9.24
CA ILE A 84 -8.96 0.77 -9.46
C ILE A 84 -9.35 -0.36 -10.43
N LEU A 85 -8.60 -0.52 -11.53
CA LEU A 85 -8.89 -1.65 -12.42
C LEU A 85 -8.75 -2.96 -11.66
N MET A 86 -7.66 -3.05 -10.90
CA MET A 86 -7.36 -4.27 -10.17
C MET A 86 -8.36 -4.63 -9.07
N ILE A 87 -8.75 -3.66 -8.25
CA ILE A 87 -9.72 -3.98 -7.20
C ILE A 87 -11.05 -4.38 -7.83
N GLY A 88 -11.42 -3.74 -8.93
CA GLY A 88 -12.57 -4.15 -9.70
C GLY A 88 -12.47 -5.61 -10.13
N LEU A 89 -11.33 -5.97 -10.71
CA LEU A 89 -11.07 -7.35 -11.14
C LEU A 89 -11.22 -8.36 -9.98
N VAL A 90 -10.61 -8.01 -8.85
CA VAL A 90 -10.65 -8.83 -7.65
C VAL A 90 -12.10 -8.98 -7.17
N TRP A 91 -12.83 -7.87 -7.16
CA TRP A 91 -14.24 -7.91 -6.75
C TRP A 91 -15.06 -8.83 -7.66
N ARG A 92 -14.87 -8.70 -8.98
CA ARG A 92 -15.61 -9.51 -9.94
C ARG A 92 -15.28 -10.99 -9.82
N SER A 93 -14.09 -11.28 -9.34
CA SER A 93 -13.56 -12.65 -9.30
C SER A 93 -13.91 -13.39 -8.02
N MET A 94 -14.51 -12.67 -7.07
CA MET A 94 -14.78 -13.21 -5.74
C MET A 94 -15.42 -14.58 -5.77
N GLU A 95 -16.50 -14.70 -6.54
CA GLU A 95 -17.32 -15.90 -6.53
C GLU A 95 -16.72 -16.96 -7.43
N HIS A 96 -15.49 -16.72 -7.87
CA HIS A 96 -14.79 -17.64 -8.75
C HIS A 96 -13.41 -18.00 -8.20
N PRO A 97 -13.38 -18.78 -7.12
CA PRO A 97 -12.10 -19.21 -6.51
C PRO A 97 -11.13 -19.75 -7.56
N GLY A 98 -9.88 -19.29 -7.52
CA GLY A 98 -8.86 -19.78 -8.43
C GLY A 98 -8.92 -19.14 -9.81
N LYS A 99 -9.92 -18.29 -10.02
CA LYS A 99 -10.12 -17.69 -11.32
C LYS A 99 -10.11 -16.17 -11.25
N LEU A 100 -9.63 -15.54 -12.32
CA LEU A 100 -9.75 -14.09 -12.43
C LEU A 100 -10.76 -13.78 -13.52
N LEU A 101 -11.87 -13.14 -13.13
CA LEU A 101 -12.92 -12.79 -14.08
C LEU A 101 -12.65 -11.43 -14.72
N PHE A 102 -11.80 -11.40 -15.73
CA PHE A 102 -11.52 -10.15 -16.41
C PHE A 102 -12.80 -9.62 -17.06
N ALA A 103 -13.61 -10.56 -17.55
CA ALA A 103 -14.93 -10.26 -18.08
C ALA A 103 -15.76 -11.52 -17.96
N PRO A 104 -17.09 -11.39 -18.05
CA PRO A 104 -17.94 -12.58 -17.91
C PRO A 104 -17.59 -13.64 -18.95
N ASN A 105 -17.04 -13.23 -20.08
CA ASN A 105 -16.63 -14.17 -21.12
C ASN A 105 -15.11 -14.27 -21.20
N LEU A 106 -14.44 -13.93 -20.11
CA LEU A 106 -12.99 -14.05 -20.06
C LEU A 106 -12.49 -14.32 -18.64
N LEU A 107 -12.38 -15.59 -18.31
CA LEU A 107 -11.82 -16.03 -17.02
C LEU A 107 -10.44 -16.64 -17.23
N LEU A 108 -9.44 -16.04 -16.61
CA LEU A 108 -8.08 -16.58 -16.70
C LEU A 108 -7.68 -17.27 -15.42
N ASP A 109 -6.88 -18.33 -15.54
CA ASP A 109 -6.32 -19.00 -14.37
C ASP A 109 -4.82 -18.72 -14.27
N ARG A 110 -4.18 -19.23 -13.23
CA ARG A 110 -2.78 -18.93 -13.04
C ARG A 110 -1.93 -19.61 -14.10
N ASN A 111 -2.41 -20.76 -14.59
CA ASN A 111 -1.72 -21.48 -15.65
C ASN A 111 -1.61 -20.64 -16.93
N GLN A 112 -2.53 -19.69 -17.08
CA GLN A 112 -2.47 -18.76 -18.21
C GLN A 112 -1.55 -17.59 -17.90
N GLY A 113 -1.54 -17.15 -16.65
CA GLY A 113 -0.62 -16.12 -16.20
C GLY A 113 0.82 -16.50 -16.48
N LYS A 114 1.12 -17.80 -16.41
CA LYS A 114 2.47 -18.29 -16.67
C LYS A 114 2.91 -17.98 -18.10
N CYS A 115 1.95 -17.63 -18.95
CA CYS A 115 2.24 -17.38 -20.36
C CYS A 115 2.89 -16.02 -20.58
N VAL A 116 2.99 -15.23 -19.51
CA VAL A 116 3.74 -13.99 -19.57
C VAL A 116 4.81 -13.97 -18.48
N GLU A 117 6.07 -13.86 -18.88
CA GLU A 117 7.16 -13.76 -17.93
C GLU A 117 6.82 -12.68 -16.90
N GLY A 118 6.71 -13.08 -15.64
CA GLY A 118 6.48 -12.14 -14.55
C GLY A 118 5.01 -11.89 -14.22
N MET A 119 4.12 -12.57 -14.95
CA MET A 119 2.69 -12.35 -14.75
C MET A 119 2.09 -13.21 -13.65
N VAL A 120 2.49 -14.48 -13.60
CA VAL A 120 1.91 -15.42 -12.64
C VAL A 120 1.98 -14.89 -11.19
N GLU A 121 3.09 -14.24 -10.83
CA GLU A 121 3.22 -13.66 -9.50
C GLU A 121 2.13 -12.64 -9.21
N ILE A 122 1.80 -11.83 -10.21
CA ILE A 122 0.78 -10.81 -10.03
C ILE A 122 -0.60 -11.47 -10.03
N PHE A 123 -0.77 -12.49 -10.87
CA PHE A 123 -2.01 -13.27 -10.86
C PHE A 123 -2.22 -13.86 -9.47
N ASP A 124 -1.19 -14.49 -8.91
CA ASP A 124 -1.30 -15.10 -7.59
C ASP A 124 -1.68 -14.06 -6.52
N MET A 125 -1.11 -12.87 -6.62
CA MET A 125 -1.44 -11.78 -5.69
C MET A 125 -2.91 -11.37 -5.79
N LEU A 126 -3.39 -11.28 -7.03
CA LEU A 126 -4.78 -10.91 -7.27
C LEU A 126 -5.74 -11.97 -6.76
N LEU A 127 -5.41 -13.24 -7.01
CA LEU A 127 -6.22 -14.36 -6.54
C LEU A 127 -6.26 -14.43 -5.01
N ALA A 128 -5.12 -14.25 -4.37
CA ALA A 128 -5.10 -14.22 -2.91
C ALA A 128 -5.99 -13.08 -2.38
N THR A 129 -6.01 -11.94 -3.07
CA THR A 129 -6.84 -10.81 -2.67
C THR A 129 -8.32 -11.12 -2.83
N SER A 130 -8.68 -11.72 -3.95
CA SER A 130 -10.05 -12.13 -4.18
C SER A 130 -10.51 -13.12 -3.11
N SER A 131 -9.67 -14.11 -2.83
CA SER A 131 -9.95 -15.09 -1.79
C SER A 131 -10.17 -14.40 -0.45
N ARG A 132 -9.36 -13.38 -0.16
CA ARG A 132 -9.45 -12.64 1.08
C ARG A 132 -10.80 -11.91 1.17
N PHE A 133 -11.16 -11.23 0.08
CA PHE A 133 -12.46 -10.58 -0.02
C PHE A 133 -13.57 -11.59 0.25
N ARG A 134 -13.47 -12.76 -0.37
CA ARG A 134 -14.51 -13.76 -0.25
C ARG A 134 -14.66 -14.30 1.17
N MET A 135 -13.54 -14.58 1.84
CA MET A 135 -13.62 -15.12 3.18
C MET A 135 -14.10 -14.05 4.17
N MET A 136 -13.87 -12.79 3.83
CA MET A 136 -14.37 -11.67 4.61
C MET A 136 -15.84 -11.38 4.31
N ASN A 137 -16.36 -11.97 3.23
CA ASN A 137 -17.74 -11.71 2.85
C ASN A 137 -17.94 -10.23 2.54
N LEU A 138 -16.98 -9.65 1.81
CA LEU A 138 -17.04 -8.25 1.41
C LEU A 138 -18.35 -7.94 0.70
N GLN A 139 -19.01 -6.85 1.09
CA GLN A 139 -20.28 -6.46 0.48
C GLN A 139 -20.09 -5.39 -0.61
N GLY A 140 -21.03 -5.37 -1.55
CA GLY A 140 -20.99 -4.42 -2.65
C GLY A 140 -20.86 -2.98 -2.15
N GLU A 141 -21.65 -2.63 -1.13
CA GLU A 141 -21.60 -1.28 -0.55
C GLU A 141 -20.22 -0.96 0.03
N GLU A 142 -19.57 -1.99 0.56
CA GLU A 142 -18.25 -1.85 1.13
C GLU A 142 -17.26 -1.67 0.01
N PHE A 143 -17.41 -2.48 -1.03
CA PHE A 143 -16.54 -2.39 -2.20
C PHE A 143 -16.48 -0.98 -2.80
N VAL A 144 -17.65 -0.37 -3.02
CA VAL A 144 -17.68 0.95 -3.64
C VAL A 144 -17.02 2.01 -2.74
N CYS A 145 -17.17 1.87 -1.43
CA CYS A 145 -16.49 2.78 -0.51
C CYS A 145 -14.97 2.65 -0.67
N LEU A 146 -14.49 1.41 -0.73
CA LEU A 146 -13.05 1.14 -0.85
C LEU A 146 -12.48 1.70 -2.14
N LYS A 147 -13.19 1.50 -3.24
CA LYS A 147 -12.74 2.00 -4.54
C LYS A 147 -12.64 3.52 -4.50
N SER A 148 -13.63 4.18 -3.89
CA SER A 148 -13.59 5.63 -3.76
C SER A 148 -12.42 6.11 -2.92
N ILE A 149 -12.12 5.39 -1.83
CA ILE A 149 -10.97 5.70 -0.99
C ILE A 149 -9.65 5.65 -1.78
N ILE A 150 -9.51 4.64 -2.64
CA ILE A 150 -8.30 4.51 -3.46
C ILE A 150 -8.16 5.71 -4.38
N LEU A 151 -9.26 6.06 -5.04
CA LEU A 151 -9.29 7.24 -5.89
C LEU A 151 -8.74 8.47 -5.17
N LEU A 152 -9.23 8.71 -3.96
CA LEU A 152 -8.94 9.95 -3.24
C LEU A 152 -7.65 9.90 -2.45
N ASN A 153 -7.21 8.70 -2.09
CA ASN A 153 -6.06 8.57 -1.20
C ASN A 153 -4.71 8.42 -1.89
N SER A 154 -4.71 7.79 -3.06
CA SER A 154 -3.46 7.26 -3.58
C SER A 154 -2.49 8.34 -4.06
N GLY A 155 -3.03 9.41 -4.61
CA GLY A 155 -2.22 10.52 -5.07
C GLY A 155 -2.21 11.71 -4.12
N VAL A 156 -2.93 11.58 -3.02
CA VAL A 156 -3.11 12.69 -2.07
C VAL A 156 -1.81 13.30 -1.53
N TYR A 157 -0.77 12.49 -1.39
CA TYR A 157 0.48 12.95 -0.77
C TYR A 157 1.55 13.27 -1.80
N THR A 158 1.10 13.51 -3.03
CA THR A 158 2.00 13.79 -4.15
C THR A 158 1.37 14.82 -5.08
N ASP A 171 -6.89 19.20 2.21
CA ASP A 171 -7.78 19.16 3.37
C ASP A 171 -9.19 18.73 3.01
N HIS A 172 -9.68 19.20 1.87
CA HIS A 172 -10.98 18.78 1.37
C HIS A 172 -11.01 17.27 1.15
N ILE A 173 -9.96 16.76 0.52
CA ILE A 173 -9.86 15.33 0.24
C ILE A 173 -9.91 14.53 1.54
N HIS A 174 -9.21 15.03 2.55
CA HIS A 174 -9.15 14.34 3.82
C HIS A 174 -10.52 14.32 4.51
N ARG A 175 -11.26 15.42 4.41
CA ARG A 175 -12.59 15.46 5.01
C ARG A 175 -13.48 14.46 4.29
N VAL A 176 -13.37 14.42 2.97
CA VAL A 176 -14.16 13.48 2.20
C VAL A 176 -13.81 12.04 2.58
N LEU A 177 -12.53 11.80 2.81
CA LEU A 177 -12.05 10.47 3.22
C LEU A 177 -12.66 10.06 4.55
N ASP A 178 -12.65 10.99 5.51
CA ASP A 178 -13.33 10.77 6.78
C ASP A 178 -14.80 10.45 6.58
N LYS A 179 -15.46 11.18 5.69
CA LYS A 179 -16.87 10.95 5.39
C LYS A 179 -17.07 9.52 4.93
N ILE A 180 -16.19 9.07 4.04
CA ILE A 180 -16.24 7.68 3.59
C ILE A 180 -15.98 6.68 4.72
N THR A 181 -15.04 6.99 5.61
CA THR A 181 -14.88 6.15 6.81
C THR A 181 -16.19 6.05 7.60
N ASP A 182 -16.84 7.18 7.82
CA ASP A 182 -18.10 7.23 8.53
C ASP A 182 -19.11 6.31 7.83
N THR A 183 -19.08 6.31 6.50
CA THR A 183 -20.03 5.52 5.71
C THR A 183 -19.75 4.01 5.79
N LEU A 184 -18.46 3.64 5.79
CA LEU A 184 -18.08 2.24 5.99
C LEU A 184 -18.55 1.71 7.36
N ILE A 185 -18.33 2.49 8.41
CA ILE A 185 -18.83 2.17 9.76
C ILE A 185 -20.35 2.04 9.78
N HIS A 186 -21.03 3.03 9.23
CA HIS A 186 -22.48 3.03 9.09
C HIS A 186 -22.95 1.68 8.51
N LEU A 187 -22.27 1.22 7.46
CA LEU A 187 -22.65 -0.01 6.78
C LEU A 187 -22.49 -1.24 7.67
N MET A 188 -21.43 -1.26 8.47
CA MET A 188 -21.16 -2.38 9.36
C MET A 188 -22.12 -2.38 10.54
N ALA A 189 -22.43 -1.19 11.03
CA ALA A 189 -23.43 -1.06 12.09
C ALA A 189 -24.78 -1.51 11.55
N LYS A 190 -25.14 -1.01 10.37
CA LYS A 190 -26.37 -1.41 9.69
C LYS A 190 -26.46 -2.93 9.58
N ALA A 191 -25.32 -3.57 9.36
CA ALA A 191 -25.27 -5.04 9.22
C ALA A 191 -25.19 -5.76 10.57
N GLY A 192 -25.26 -5.01 11.66
CA GLY A 192 -25.34 -5.60 12.99
C GLY A 192 -24.04 -5.89 13.73
N LEU A 193 -22.90 -5.52 13.12
CA LEU A 193 -21.61 -5.74 13.78
C LEU A 193 -21.53 -5.00 15.11
N THR A 194 -20.90 -5.65 16.10
CA THR A 194 -20.55 -4.97 17.34
C THR A 194 -19.52 -3.87 17.07
N LEU A 195 -19.30 -3.02 18.07
CA LEU A 195 -18.31 -1.96 18.00
C LEU A 195 -16.91 -2.50 17.72
N GLN A 196 -16.51 -3.51 18.46
CA GLN A 196 -15.20 -4.11 18.25
C GLN A 196 -15.08 -4.67 16.83
N GLN A 197 -16.15 -5.31 16.36
CA GLN A 197 -16.16 -5.93 15.05
C GLN A 197 -16.06 -4.87 13.95
N GLN A 198 -16.66 -3.72 14.18
CA GLN A 198 -16.60 -2.61 13.24
C GLN A 198 -15.17 -2.11 13.05
N HIS A 199 -14.48 -1.80 14.14
CA HIS A 199 -13.12 -1.25 14.01
C HIS A 199 -12.14 -2.30 13.48
N GLN A 200 -12.32 -3.55 13.88
CA GLN A 200 -11.51 -4.63 13.33
C GLN A 200 -11.70 -4.80 11.82
N ARG A 201 -12.96 -4.86 11.38
CA ARG A 201 -13.27 -4.99 9.94
C ARG A 201 -12.77 -3.79 9.14
N LEU A 202 -12.96 -2.60 9.69
CA LEU A 202 -12.46 -1.38 9.05
C LEU A 202 -10.96 -1.53 8.81
N ALA A 203 -10.24 -1.91 9.87
CA ALA A 203 -8.80 -2.11 9.79
C ALA A 203 -8.44 -3.13 8.72
N GLN A 204 -9.10 -4.28 8.76
CA GLN A 204 -8.85 -5.36 7.79
C GLN A 204 -9.03 -4.89 6.36
N LEU A 205 -10.11 -4.18 6.11
CA LEU A 205 -10.40 -3.72 4.76
C LEU A 205 -9.30 -2.76 4.31
N LEU A 206 -8.94 -1.83 5.18
CA LEU A 206 -8.00 -0.78 4.81
C LEU A 206 -6.61 -1.33 4.60
N LEU A 207 -6.25 -2.37 5.35
CA LEU A 207 -4.95 -3.01 5.18
C LEU A 207 -4.80 -3.68 3.82
N ILE A 208 -5.91 -4.15 3.27
CA ILE A 208 -5.89 -4.75 1.94
C ILE A 208 -5.54 -3.70 0.90
N LEU A 209 -5.85 -2.43 1.18
CA LEU A 209 -5.49 -1.36 0.26
C LEU A 209 -3.98 -1.25 0.07
N SER A 210 -3.21 -1.61 1.09
CA SER A 210 -1.76 -1.63 0.99
CA SER A 210 -1.76 -1.60 0.96
C SER A 210 -1.33 -2.65 -0.06
N HIS A 211 -1.98 -3.80 -0.04
CA HIS A 211 -1.65 -4.86 -0.98
CA HIS A 211 -1.67 -4.87 -0.97
C HIS A 211 -2.11 -4.49 -2.38
N ILE A 212 -3.27 -3.85 -2.48
CA ILE A 212 -3.73 -3.37 -3.77
C ILE A 212 -2.71 -2.37 -4.32
N ARG A 213 -2.20 -1.47 -3.48
CA ARG A 213 -1.15 -0.54 -3.92
C ARG A 213 0.05 -1.31 -4.45
N HIS A 214 0.45 -2.34 -3.71
CA HIS A 214 1.63 -3.12 -4.06
C HIS A 214 1.44 -3.78 -5.43
N MET A 215 0.25 -4.32 -5.66
CA MET A 215 -0.04 -4.99 -6.91
C MET A 215 -0.02 -4.01 -8.08
N SER A 216 -0.53 -2.81 -7.86
CA SER A 216 -0.49 -1.76 -8.86
C SER A 216 0.94 -1.41 -9.24
N ASN A 217 1.77 -1.18 -8.23
CA ASN A 217 3.19 -0.84 -8.45
C ASN A 217 3.91 -1.90 -9.26
N LYS A 218 3.72 -3.17 -8.91
CA LYS A 218 4.39 -4.25 -9.61
C LYS A 218 3.85 -4.36 -11.03
N GLY A 219 2.54 -4.21 -11.16
CA GLY A 219 1.90 -4.28 -12.46
C GLY A 219 2.43 -3.17 -13.36
N MET A 220 2.54 -1.97 -12.81
CA MET A 220 3.03 -0.83 -13.56
C MET A 220 4.42 -1.12 -14.13
N GLU A 221 5.29 -1.73 -13.32
CA GLU A 221 6.62 -2.12 -13.76
C GLU A 221 6.51 -3.07 -14.95
N HIS A 222 5.54 -3.98 -14.86
CA HIS A 222 5.37 -4.99 -15.89
C HIS A 222 4.87 -4.35 -17.19
N LEU A 223 3.96 -3.39 -17.07
CA LEU A 223 3.40 -2.74 -18.25
C LEU A 223 4.43 -1.86 -18.95
N TYR A 224 5.29 -1.21 -18.17
CA TYR A 224 6.36 -0.42 -18.75
C TYR A 224 7.28 -1.34 -19.55
N SER A 225 7.56 -2.52 -18.98
CA SER A 225 8.38 -3.51 -19.63
C SER A 225 7.75 -3.90 -20.97
N MET A 226 6.45 -4.22 -20.94
CA MET A 226 5.70 -4.58 -22.14
CA MET A 226 5.74 -4.60 -22.15
C MET A 226 5.67 -3.43 -23.13
N LYS A 227 5.54 -2.21 -22.60
CA LYS A 227 5.53 -1.02 -23.43
C LYS A 227 6.83 -0.98 -24.24
N CYS A 228 7.94 -1.15 -23.55
CA CYS A 228 9.25 -1.12 -24.19
C CYS A 228 9.39 -2.26 -25.20
N LYS A 229 8.91 -3.45 -24.84
CA LYS A 229 8.94 -4.59 -25.77
C LYS A 229 8.24 -4.26 -27.07
N ASN A 230 7.11 -3.55 -26.96
CA ASN A 230 6.45 -2.95 -28.11
C ASN A 230 5.92 -3.94 -29.15
N VAL A 231 5.11 -4.90 -28.70
CA VAL A 231 4.39 -5.78 -29.62
C VAL A 231 2.90 -5.64 -29.35
N VAL A 232 2.53 -5.66 -28.07
CA VAL A 232 1.16 -5.40 -27.67
C VAL A 232 0.86 -3.93 -27.83
N PRO A 233 -0.10 -3.60 -28.71
CA PRO A 233 -0.42 -2.20 -28.99
C PRO A 233 -1.00 -1.51 -27.77
N LEU A 234 -0.52 -0.30 -27.50
CA LEU A 234 -1.02 0.48 -26.40
C LEU A 234 -1.69 1.74 -26.94
N SER A 235 -2.89 2.03 -26.47
CA SER A 235 -3.57 3.23 -26.90
C SER A 235 -2.86 4.46 -26.33
N ASP A 236 -2.98 5.59 -27.02
CA ASP A 236 -2.42 6.84 -26.53
C ASP A 236 -2.86 7.10 -25.10
N LEU A 237 -4.13 6.85 -24.79
CA LEU A 237 -4.63 7.06 -23.43
C LEU A 237 -3.92 6.16 -22.41
N LEU A 238 -3.77 4.89 -22.73
CA LEU A 238 -3.07 4.00 -21.82
C LEU A 238 -1.61 4.43 -21.66
N LEU A 239 -1.00 4.88 -22.76
CA LEU A 239 0.40 5.32 -22.73
C LEU A 239 0.59 6.53 -21.83
N GLU A 240 -0.34 7.47 -21.91
CA GLU A 240 -0.30 8.64 -21.06
C GLU A 240 -0.51 8.28 -19.59
N MET A 241 -1.43 7.36 -19.32
CA MET A 241 -1.70 6.93 -17.95
C MET A 241 -0.47 6.25 -17.36
N LEU A 242 0.21 5.49 -18.23
CA LEU A 242 1.41 4.76 -17.86
C LEU A 242 2.59 5.71 -17.68
N ASP A 243 2.75 6.61 -18.63
CA ASP A 243 3.86 7.57 -18.59
CA ASP A 243 3.86 7.57 -18.59
C ASP A 243 3.83 8.42 -17.31
N ALA A 244 2.63 8.64 -16.78
CA ALA A 244 2.45 9.44 -15.56
C ALA A 244 3.16 8.83 -14.35
N HIS A 245 3.39 7.52 -14.39
CA HIS A 245 4.17 6.88 -13.34
C HIS A 245 5.65 6.91 -13.65
N ARG A 246 6.00 7.62 -14.73
CA ARG A 246 7.40 7.82 -15.10
C ARG A 246 8.12 6.49 -15.29
N HIS B 1 -2.64 19.10 -22.88
CA HIS B 1 -2.41 18.26 -24.05
C HIS B 1 -2.63 16.79 -23.72
N LYS B 2 -2.95 16.50 -22.47
CA LYS B 2 -3.30 15.14 -22.06
C LYS B 2 -4.72 14.80 -22.50
N ILE B 3 -4.90 13.61 -23.05
CA ILE B 3 -6.23 13.09 -23.35
C ILE B 3 -7.12 13.14 -22.10
N LEU B 4 -6.51 12.87 -20.95
CA LEU B 4 -7.26 12.81 -19.71
C LEU B 4 -7.85 14.18 -19.40
N HIS B 5 -7.09 15.23 -19.71
CA HIS B 5 -7.56 16.61 -19.56
C HIS B 5 -8.86 16.82 -20.32
N ARG B 6 -8.94 16.26 -21.52
CA ARG B 6 -10.14 16.39 -22.33
C ARG B 6 -11.30 15.56 -21.77
N LEU B 7 -11.03 14.28 -21.52
CA LEU B 7 -12.09 13.35 -21.09
C LEU B 7 -12.75 13.77 -19.79
N LEU B 8 -11.96 14.34 -18.88
CA LEU B 8 -12.49 14.79 -17.60
C LEU B 8 -13.47 15.96 -17.76
N GLN B 9 -13.37 16.68 -18.89
CA GLN B 9 -14.27 17.80 -19.16
C GLN B 9 -15.58 17.31 -19.78
N ASP B 10 -15.46 16.35 -20.69
CA ASP B 10 -16.60 15.86 -21.47
C ASP B 10 -17.56 15.01 -20.64
N ASN C 2 -0.46 -22.09 23.36
CA ASN C 2 -1.00 -20.99 22.58
C ASN C 2 -0.21 -19.69 22.78
N SER C 3 -0.05 -18.94 21.70
CA SER C 3 0.69 -17.68 21.72
C SER C 3 0.39 -16.83 22.96
N LEU C 4 1.43 -16.23 23.53
CA LEU C 4 1.25 -15.28 24.61
C LEU C 4 0.82 -13.94 24.02
N ALA C 5 1.07 -13.78 22.73
CA ALA C 5 0.73 -12.56 22.01
C ALA C 5 -0.77 -12.28 22.07
N LEU C 6 -1.57 -13.33 22.05
CA LEU C 6 -3.02 -13.17 22.01
C LEU C 6 -3.62 -12.82 23.37
N SER C 7 -2.89 -13.16 24.44
CA SER C 7 -3.40 -12.96 25.79
C SER C 7 -3.01 -11.57 26.32
N LEU C 8 -2.14 -10.89 25.60
CA LEU C 8 -1.69 -9.57 26.01
C LEU C 8 -2.82 -8.56 26.02
N THR C 9 -2.87 -7.75 27.06
CA THR C 9 -3.78 -6.61 27.08
C THR C 9 -3.19 -5.49 26.23
N ALA C 10 -4.02 -4.51 25.87
CA ALA C 10 -3.60 -3.38 25.04
C ALA C 10 -2.39 -2.69 25.65
N ASP C 11 -2.47 -2.42 26.95
CA ASP C 11 -1.41 -1.70 27.65
C ASP C 11 -0.12 -2.51 27.67
N GLN C 12 -0.26 -3.82 27.83
CA GLN C 12 0.89 -4.72 27.77
C GLN C 12 1.46 -4.78 26.36
N MET C 13 0.58 -4.75 25.36
CA MET C 13 1.00 -4.76 23.97
C MET C 13 1.88 -3.55 23.69
N VAL C 14 1.41 -2.38 24.12
CA VAL C 14 2.13 -1.14 23.90
C VAL C 14 3.47 -1.16 24.62
N SER C 15 3.44 -1.54 25.89
CA SER C 15 4.67 -1.67 26.67
CA SER C 15 4.67 -1.65 26.66
C SER C 15 5.66 -2.56 25.94
N ALA C 16 5.20 -3.75 25.57
CA ALA C 16 6.04 -4.69 24.84
C ALA C 16 6.68 -4.03 23.62
N LEU C 17 5.87 -3.33 22.82
CA LEU C 17 6.38 -2.68 21.60
C LEU C 17 7.32 -1.51 21.87
N LEU C 18 6.99 -0.70 22.88
CA LEU C 18 7.84 0.41 23.25
C LEU C 18 9.19 -0.08 23.72
N ASP C 19 9.20 -1.19 24.46
CA ASP C 19 10.43 -1.77 24.99
CA ASP C 19 10.44 -1.73 24.98
C ASP C 19 11.29 -2.38 23.88
N ALA C 20 10.63 -2.81 22.81
CA ALA C 20 11.33 -3.48 21.71
C ALA C 20 11.97 -2.51 20.72
N GLU C 21 11.71 -1.22 20.90
CA GLU C 21 12.22 -0.20 19.97
C GLU C 21 13.71 -0.29 19.75
N PRO C 22 14.14 -0.22 18.49
CA PRO C 22 15.57 -0.17 18.11
C PRO C 22 16.17 1.16 18.52
N PRO C 23 17.48 1.21 18.73
CA PRO C 23 18.15 2.48 19.05
C PRO C 23 18.28 3.34 17.81
N ILE C 24 18.42 4.65 18.00
CA ILE C 24 18.71 5.53 16.89
C ILE C 24 20.21 5.48 16.63
N LEU C 25 20.60 5.05 15.43
CA LEU C 25 22.02 4.98 15.09
C LEU C 25 22.55 6.28 14.48
N TYR C 26 23.85 6.51 14.59
CA TYR C 26 24.48 7.64 13.92
C TYR C 26 25.04 7.19 12.58
N SER C 27 25.28 8.14 11.68
CA SER C 27 26.00 7.83 10.47
C SER C 27 27.43 8.30 10.62
N GLU C 28 28.27 8.02 9.62
CA GLU C 28 29.65 8.46 9.66
C GLU C 28 29.82 9.76 8.87
N TYR C 29 28.72 10.49 8.71
CA TYR C 29 28.73 11.76 8.01
C TYR C 29 29.73 12.74 8.62
N ASP C 30 30.52 13.38 7.77
CA ASP C 30 31.51 14.37 8.18
C ASP C 30 31.28 15.60 7.32
N PRO C 31 30.83 16.70 7.93
CA PRO C 31 30.45 17.94 7.23
C PRO C 31 31.64 18.62 6.56
N THR C 32 32.84 18.35 7.05
CA THR C 32 34.04 18.94 6.50
C THR C 32 34.47 18.20 5.24
N ARG C 33 33.91 17.02 5.04
CA ARG C 33 34.23 16.19 3.90
C ARG C 33 33.33 16.55 2.71
N PRO C 34 33.91 16.55 1.50
CA PRO C 34 33.14 16.88 0.28
C PRO C 34 32.01 15.88 0.06
N PHE C 35 30.79 16.39 -0.16
CA PHE C 35 29.63 15.54 -0.40
C PHE C 35 29.43 15.22 -1.88
N SER C 36 29.37 13.94 -2.21
CA SER C 36 29.11 13.49 -3.57
C SER C 36 27.95 12.51 -3.60
N GLU C 37 27.41 12.29 -4.80
CA GLU C 37 26.32 11.32 -4.98
C GLU C 37 26.72 9.99 -4.36
N ALA C 38 27.88 9.49 -4.74
CA ALA C 38 28.41 8.25 -4.19
C ALA C 38 28.58 8.36 -2.68
N SER C 39 28.95 9.55 -2.22
CA SER C 39 29.20 9.79 -0.80
C SER C 39 27.94 9.56 0.02
N MET C 40 26.92 10.35 -0.25
CA MET C 40 25.68 10.24 0.49
C MET C 40 25.08 8.84 0.41
N MET C 41 25.04 8.28 -0.80
CA MET C 41 24.47 6.95 -0.97
C MET C 41 25.21 5.91 -0.15
N GLY C 42 26.52 6.10 -0.01
CA GLY C 42 27.31 5.24 0.86
C GLY C 42 26.88 5.37 2.31
N LEU C 43 26.61 6.58 2.75
CA LEU C 43 26.11 6.83 4.11
C LEU C 43 24.76 6.16 4.35
N LEU C 44 23.82 6.41 3.45
CA LEU C 44 22.49 5.79 3.55
C LEU C 44 22.60 4.26 3.58
N THR C 45 23.45 3.71 2.72
CA THR C 45 23.63 2.26 2.61
C THR C 45 24.22 1.68 3.91
N ASN C 46 25.31 2.29 4.35
CA ASN C 46 25.97 1.86 5.56
C ASN C 46 24.99 1.92 6.74
N LEU C 47 24.25 3.02 6.81
CA LEU C 47 23.30 3.22 7.89
C LEU C 47 22.18 2.17 7.87
N ALA C 48 21.58 1.97 6.71
CA ALA C 48 20.52 0.99 6.57
C ALA C 48 21.01 -0.39 6.94
N ASP C 49 22.25 -0.69 6.56
CA ASP C 49 22.85 -2.00 6.83
C ASP C 49 22.96 -2.30 8.34
N ARG C 50 23.43 -1.33 9.10
CA ARG C 50 23.50 -1.46 10.56
C ARG C 50 22.10 -1.49 11.17
N GLU C 51 21.17 -0.72 10.60
CA GLU C 51 19.79 -0.74 11.07
C GLU C 51 19.13 -2.12 10.91
N LEU C 52 19.39 -2.77 9.78
CA LEU C 52 18.81 -4.08 9.51
C LEU C 52 19.03 -5.06 10.66
N VAL C 53 20.23 -5.07 11.21
CA VAL C 53 20.57 -5.99 12.30
C VAL C 53 19.71 -5.72 13.54
N HIS C 54 19.53 -4.45 13.86
CA HIS C 54 18.66 -4.08 14.97
C HIS C 54 17.20 -4.42 14.65
N MET C 55 16.81 -4.27 13.40
CA MET C 55 15.42 -4.50 12.98
C MET C 55 15.06 -5.97 13.15
N ILE C 56 16.01 -6.84 12.84
CA ILE C 56 15.79 -8.28 12.90
C ILE C 56 15.55 -8.67 14.35
N ASN C 57 16.32 -8.08 15.26
CA ASN C 57 16.16 -8.31 16.67
C ASN C 57 14.89 -7.66 17.23
N TRP C 58 14.54 -6.48 16.72
CA TRP C 58 13.26 -5.87 17.07
C TRP C 58 12.08 -6.77 16.67
N ALA C 59 12.13 -7.28 15.45
CA ALA C 59 11.09 -8.15 14.91
C ALA C 59 10.84 -9.35 15.81
N LYS C 60 11.91 -9.94 16.32
CA LYS C 60 11.80 -11.08 17.21
C LYS C 60 10.97 -10.75 18.45
N ARG C 61 10.89 -9.45 18.77
CA ARG C 61 10.21 -9.03 19.99
C ARG C 61 8.80 -8.49 19.74
N VAL C 62 8.39 -8.45 18.47
CA VAL C 62 7.01 -8.11 18.15
C VAL C 62 6.13 -9.31 18.49
N PRO C 63 5.19 -9.12 19.44
CA PRO C 63 4.34 -10.24 19.86
C PRO C 63 3.77 -11.01 18.67
N GLY C 64 3.82 -12.33 18.74
CA GLY C 64 3.31 -13.18 17.67
C GLY C 64 4.34 -13.55 16.61
N PHE C 65 5.28 -12.65 16.33
CA PHE C 65 6.23 -12.87 15.25
C PHE C 65 7.01 -14.18 15.37
N VAL C 66 7.54 -14.45 16.56
CA VAL C 66 8.34 -15.67 16.74
C VAL C 66 7.49 -16.94 16.81
N ASP C 67 6.16 -16.79 16.83
CA ASP C 67 5.28 -17.95 16.76
C ASP C 67 5.25 -18.51 15.33
N LEU C 68 5.73 -17.71 14.39
CA LEU C 68 5.79 -18.09 12.99
C LEU C 68 6.97 -18.99 12.69
N THR C 69 6.86 -19.77 11.61
CA THR C 69 7.99 -20.56 11.13
C THR C 69 9.11 -19.63 10.68
N LEU C 70 10.35 -20.09 10.77
CA LEU C 70 11.47 -19.28 10.32
CA LEU C 70 11.49 -19.31 10.31
C LEU C 70 11.29 -18.85 8.87
N HIS C 71 10.76 -19.76 8.04
CA HIS C 71 10.50 -19.46 6.63
C HIS C 71 9.57 -18.25 6.48
N ASP C 72 8.54 -18.18 7.32
CA ASP C 72 7.59 -17.09 7.26
C ASP C 72 8.16 -15.79 7.85
N GLN C 73 8.95 -15.92 8.92
CA GLN C 73 9.62 -14.74 9.47
C GLN C 73 10.52 -14.10 8.43
N VAL C 74 11.29 -14.92 7.72
CA VAL C 74 12.17 -14.46 6.65
C VAL C 74 11.37 -13.71 5.60
N HIS C 75 10.28 -14.32 5.15
CA HIS C 75 9.43 -13.73 4.12
C HIS C 75 8.86 -12.37 4.53
N LEU C 76 8.34 -12.27 5.75
CA LEU C 76 7.80 -11.01 6.23
C LEU C 76 8.83 -9.88 6.24
N LEU C 77 10.05 -10.20 6.64
CA LEU C 77 11.08 -9.17 6.74
C LEU C 77 11.62 -8.78 5.37
N GLU C 78 11.82 -9.76 4.50
CA GLU C 78 12.18 -9.49 3.13
C GLU C 78 11.16 -8.57 2.51
N CYS C 79 9.89 -8.79 2.82
CA CYS C 79 8.84 -7.99 2.21
C CYS C 79 8.77 -6.58 2.80
N ALA C 80 8.99 -6.47 4.11
CA ALA C 80 8.71 -5.24 4.84
C ALA C 80 9.92 -4.35 5.17
N TRP C 81 11.15 -4.84 4.98
CA TRP C 81 12.32 -4.12 5.53
C TRP C 81 12.43 -2.63 5.15
N LEU C 82 12.22 -2.31 3.87
CA LEU C 82 12.35 -0.92 3.43
C LEU C 82 11.19 -0.07 3.97
N GLU C 83 9.98 -0.63 3.98
CA GLU C 83 8.84 0.09 4.54
C GLU C 83 9.12 0.46 5.98
N ILE C 84 9.69 -0.50 6.71
CA ILE C 84 10.02 -0.30 8.12
C ILE C 84 11.14 0.74 8.31
N LEU C 85 12.22 0.62 7.55
CA LEU C 85 13.24 1.67 7.59
C LEU C 85 12.61 3.03 7.30
N MET C 86 11.68 3.06 6.34
CA MET C 86 11.12 4.32 5.85
C MET C 86 10.17 4.96 6.86
N ILE C 87 9.31 4.17 7.47
CA ILE C 87 8.43 4.73 8.48
C ILE C 87 9.25 5.20 9.70
N GLY C 88 10.34 4.50 9.99
CA GLY C 88 11.25 4.95 11.04
C GLY C 88 11.84 6.29 10.68
N LEU C 89 12.33 6.42 9.44
CA LEU C 89 12.89 7.69 8.97
C LEU C 89 11.88 8.81 9.10
N VAL C 90 10.67 8.55 8.63
CA VAL C 90 9.59 9.54 8.69
C VAL C 90 9.24 9.94 10.13
N TRP C 91 9.19 8.95 11.02
CA TRP C 91 8.92 9.23 12.44
C TRP C 91 10.01 10.09 13.05
N ARG C 92 11.28 9.71 12.84
CA ARG C 92 12.40 10.49 13.37
C ARG C 92 12.39 11.92 12.84
N SER C 93 11.80 12.11 11.66
CA SER C 93 11.86 13.40 10.98
C SER C 93 10.68 14.34 11.26
N MET C 94 9.66 13.83 11.94
CA MET C 94 8.44 14.60 12.21
C MET C 94 8.69 16.04 12.59
N GLU C 95 9.63 16.23 13.51
CA GLU C 95 9.87 17.55 14.11
C GLU C 95 10.91 18.35 13.36
N HIS C 96 11.27 17.90 12.16
CA HIS C 96 12.22 18.62 11.32
C HIS C 96 11.62 18.92 9.96
N PRO C 97 10.65 19.84 9.94
CA PRO C 97 9.96 20.27 8.71
C PRO C 97 10.95 20.50 7.58
N GLY C 98 10.72 19.87 6.44
CA GLY C 98 11.56 20.08 5.27
C GLY C 98 12.82 19.23 5.28
N LYS C 99 13.07 18.51 6.36
CA LYS C 99 14.29 17.70 6.44
C LYS C 99 14.00 16.24 6.76
N LEU C 100 14.91 15.37 6.34
CA LEU C 100 14.85 13.95 6.70
C LEU C 100 15.99 13.59 7.65
N LEU C 101 15.64 13.17 8.85
CA LEU C 101 16.63 12.85 9.88
C LEU C 101 17.06 11.39 9.79
N PHE C 102 17.97 11.10 8.85
CA PHE C 102 18.50 9.76 8.73
C PHE C 102 19.22 9.34 9.99
N ALA C 103 19.89 10.31 10.62
CA ALA C 103 20.61 10.09 11.86
C ALA C 103 20.70 11.43 12.57
N PRO C 104 20.91 11.43 13.89
CA PRO C 104 21.03 12.71 14.58
C PRO C 104 22.11 13.60 13.96
N ASN C 105 23.11 13.00 13.31
CA ASN C 105 24.17 13.78 12.69
C ASN C 105 24.04 13.83 11.17
N LEU C 106 22.88 13.41 10.66
CA LEU C 106 22.63 13.43 9.22
C LEU C 106 21.21 13.86 8.90
N LEU C 107 21.01 15.17 8.74
CA LEU C 107 19.72 15.68 8.29
C LEU C 107 19.86 16.16 6.85
N LEU C 108 18.97 15.67 5.99
CA LEU C 108 19.04 16.05 4.58
C LEU C 108 17.74 16.69 4.10
N ASP C 109 17.88 17.74 3.29
CA ASP C 109 16.74 18.37 2.64
C ASP C 109 16.64 17.84 1.21
N ARG C 110 15.59 18.23 0.51
CA ARG C 110 15.37 17.72 -0.85
C ARG C 110 16.50 18.17 -1.81
N ASN C 111 17.19 19.25 -1.43
CA ASN C 111 18.28 19.77 -2.25
C ASN C 111 19.49 18.84 -2.27
N GLN C 112 19.60 18.01 -1.25
CA GLN C 112 20.70 17.07 -1.15
C GLN C 112 20.28 15.73 -1.75
N GLY C 113 19.05 15.69 -2.26
CA GLY C 113 18.53 14.49 -2.91
C GLY C 113 18.14 14.76 -4.35
N VAL C 116 19.90 13.20 -6.67
CA VAL C 116 20.69 12.30 -7.51
C VAL C 116 19.85 11.68 -8.62
N GLU C 117 18.83 12.40 -9.08
CA GLU C 117 17.97 11.93 -10.17
C GLU C 117 17.15 10.74 -9.68
N GLY C 118 15.84 10.91 -9.60
CA GLY C 118 14.95 9.87 -9.10
C GLY C 118 14.86 9.83 -7.58
N MET C 119 15.90 10.33 -6.92
CA MET C 119 15.94 10.37 -5.47
C MET C 119 14.98 11.42 -4.91
N VAL C 120 15.02 12.63 -5.48
CA VAL C 120 14.20 13.73 -4.97
C VAL C 120 12.72 13.37 -4.93
N GLU C 121 12.25 12.65 -5.94
CA GLU C 121 10.86 12.19 -5.94
C GLU C 121 10.54 11.43 -4.66
N ILE C 122 11.42 10.51 -4.29
CA ILE C 122 11.18 9.72 -3.08
C ILE C 122 11.34 10.56 -1.82
N PHE C 123 12.32 11.45 -1.79
CA PHE C 123 12.48 12.36 -0.68
C PHE C 123 11.18 13.13 -0.45
N ASP C 124 10.61 13.67 -1.53
CA ASP C 124 9.41 14.49 -1.40
C ASP C 124 8.25 13.71 -0.81
N MET C 125 8.14 12.44 -1.17
CA MET C 125 7.08 11.61 -0.62
C MET C 125 7.28 11.36 0.87
N LEU C 126 8.53 11.09 1.27
CA LEU C 126 8.86 10.91 2.68
C LEU C 126 8.60 12.21 3.45
N LEU C 127 8.93 13.33 2.84
CA LEU C 127 8.68 14.62 3.48
C LEU C 127 7.18 14.87 3.65
N ALA C 128 6.40 14.49 2.64
CA ALA C 128 4.96 14.69 2.70
C ALA C 128 4.36 13.80 3.80
N THR C 129 4.90 12.59 3.93
CA THR C 129 4.42 11.66 4.94
C THR C 129 4.77 12.14 6.34
N SER C 130 5.98 12.65 6.50
CA SER C 130 6.40 13.17 7.80
C SER C 130 5.55 14.39 8.15
N SER C 131 5.25 15.19 7.13
CA SER C 131 4.38 16.32 7.30
C SER C 131 2.99 15.85 7.76
N ARG C 132 2.51 14.78 7.13
CA ARG C 132 1.24 14.18 7.51
C ARG C 132 1.26 13.74 8.98
N PHE C 133 2.31 13.04 9.37
CA PHE C 133 2.48 12.60 10.76
C PHE C 133 2.40 13.79 11.71
N ARG C 134 3.05 14.87 11.33
CA ARG C 134 3.13 16.06 12.17
C ARG C 134 1.75 16.67 12.37
N MET C 135 1.04 16.91 11.29
CA MET C 135 -0.31 17.48 11.34
C MET C 135 -1.29 16.60 12.13
N MET C 136 -1.10 15.28 12.07
CA MET C 136 -1.94 14.36 12.83
C MET C 136 -1.52 14.25 14.29
N ASN C 137 -0.35 14.79 14.61
CA ASN C 137 0.21 14.64 15.95
C ASN C 137 0.34 13.15 16.26
N LEU C 138 0.85 12.39 15.30
CA LEU C 138 1.09 10.97 15.50
C LEU C 138 1.85 10.72 16.79
N GLN C 139 1.35 9.78 17.61
CA GLN C 139 1.93 9.50 18.91
C GLN C 139 2.88 8.30 18.86
N GLY C 140 3.89 8.31 19.72
CA GLY C 140 4.86 7.22 19.79
C GLY C 140 4.18 5.86 19.89
N GLU C 141 3.20 5.75 20.77
CA GLU C 141 2.47 4.49 20.96
C GLU C 141 1.77 4.06 19.67
N GLU C 142 1.27 5.04 18.92
CA GLU C 142 0.63 4.76 17.64
C GLU C 142 1.65 4.30 16.61
N PHE C 143 2.78 4.99 16.58
CA PHE C 143 3.87 4.65 15.66
C PHE C 143 4.32 3.19 15.81
N VAL C 144 4.52 2.73 17.04
CA VAL C 144 5.03 1.37 17.23
C VAL C 144 4.02 0.34 16.78
N CYS C 145 2.73 0.60 17.02
CA CYS C 145 1.67 -0.22 16.48
C CYS C 145 1.71 -0.27 14.96
N LEU C 146 1.89 0.89 14.33
CA LEU C 146 1.90 0.97 12.87
C LEU C 146 3.04 0.17 12.29
N LYS C 147 4.20 0.24 12.94
CA LYS C 147 5.40 -0.43 12.45
C LYS C 147 5.26 -1.95 12.55
N SER C 148 4.60 -2.41 13.61
CA SER C 148 4.34 -3.83 13.80
CA SER C 148 4.36 -3.83 13.77
C SER C 148 3.33 -4.33 12.78
N ILE C 149 2.34 -3.50 12.47
CA ILE C 149 1.32 -3.85 11.49
C ILE C 149 1.98 -4.12 10.14
N ILE C 150 2.89 -3.23 9.74
CA ILE C 150 3.62 -3.38 8.48
C ILE C 150 4.37 -4.70 8.40
N LEU C 151 5.12 -5.02 9.45
CA LEU C 151 5.86 -6.27 9.53
C LEU C 151 4.99 -7.50 9.24
N LEU C 152 3.79 -7.51 9.81
CA LEU C 152 2.92 -8.68 9.76
C LEU C 152 2.05 -8.69 8.51
N ASN C 153 1.71 -7.50 8.05
CA ASN C 153 0.74 -7.35 6.96
C ASN C 153 1.32 -7.39 5.54
N SER C 154 2.47 -6.76 5.36
CA SER C 154 2.96 -6.50 4.00
C SER C 154 3.21 -7.73 3.16
N GLY C 155 3.71 -8.79 3.80
CA GLY C 155 4.02 -10.01 3.09
C GLY C 155 2.97 -11.08 3.27
N VAL C 156 1.95 -10.77 4.05
CA VAL C 156 0.92 -11.75 4.40
C VAL C 156 0.23 -12.37 3.18
N TYR C 157 0.12 -11.64 2.08
CA TYR C 157 -0.60 -12.11 0.90
C TYR C 157 0.27 -12.59 -0.24
N THR C 158 1.52 -12.92 0.07
CA THR C 158 2.43 -13.51 -0.91
C THR C 158 3.08 -14.79 -0.37
N PHE C 159 2.38 -15.49 0.51
CA PHE C 159 2.86 -16.75 1.07
C PHE C 159 2.80 -17.88 0.04
N LYS C 165 -1.75 -26.32 2.12
CA LYS C 165 -2.26 -26.34 3.49
C LYS C 165 -1.18 -25.95 4.51
N SER C 166 -1.62 -25.15 5.48
CA SER C 166 -0.75 -24.55 6.48
C SER C 166 -1.33 -23.19 6.86
N LEU C 167 -2.23 -22.70 6.01
CA LEU C 167 -2.95 -21.44 6.17
C LEU C 167 -3.14 -21.03 7.62
N GLU C 168 -2.93 -21.97 8.53
CA GLU C 168 -2.98 -21.69 9.96
C GLU C 168 -2.07 -20.51 10.29
N GLU C 169 -0.90 -20.47 9.66
CA GLU C 169 0.06 -19.40 9.89
C GLU C 169 -0.56 -18.06 9.54
N LYS C 170 -1.11 -17.97 8.33
CA LYS C 170 -1.78 -16.76 7.89
C LYS C 170 -2.88 -16.34 8.87
N ASP C 171 -3.59 -17.33 9.42
CA ASP C 171 -4.68 -17.06 10.36
C ASP C 171 -4.19 -16.48 11.69
N HIS C 172 -3.06 -16.97 12.19
CA HIS C 172 -2.48 -16.42 13.41
C HIS C 172 -2.08 -14.96 13.20
N ILE C 173 -1.53 -14.67 12.02
CA ILE C 173 -1.11 -13.31 11.69
C ILE C 173 -2.29 -12.36 11.74
N HIS C 174 -3.44 -12.80 11.23
CA HIS C 174 -4.62 -11.97 11.19
C HIS C 174 -5.18 -11.71 12.60
N ARG C 175 -5.08 -12.71 13.46
CA ARG C 175 -5.50 -12.57 14.84
C ARG C 175 -4.67 -11.53 15.58
N VAL C 176 -3.35 -11.58 15.40
CA VAL C 176 -2.46 -10.60 16.02
C VAL C 176 -2.75 -9.20 15.46
N LEU C 177 -2.94 -9.12 14.15
CA LEU C 177 -3.25 -7.85 13.51
C LEU C 177 -4.49 -7.22 14.12
N ASP C 178 -5.50 -8.06 14.38
CA ASP C 178 -6.74 -7.59 15.00
C ASP C 178 -6.45 -7.03 16.39
N LYS C 179 -5.63 -7.74 17.16
CA LYS C 179 -5.24 -7.25 18.47
C LYS C 179 -4.58 -5.89 18.38
N ILE C 180 -3.72 -5.70 17.39
CA ILE C 180 -3.03 -4.42 17.24
C ILE C 180 -4.05 -3.32 16.93
N THR C 181 -5.08 -3.66 16.16
CA THR C 181 -6.16 -2.73 15.89
C THR C 181 -6.89 -2.36 17.17
N ASP C 182 -7.21 -3.36 17.99
CA ASP C 182 -7.78 -3.15 19.31
C ASP C 182 -6.89 -2.21 20.14
N THR C 183 -5.59 -2.45 20.08
CA THR C 183 -4.63 -1.63 20.79
C THR C 183 -4.68 -0.17 20.33
N LEU C 184 -4.59 0.04 19.01
CA LEU C 184 -4.74 1.38 18.45
C LEU C 184 -6.02 2.07 18.96
N ILE C 185 -7.15 1.37 18.85
CA ILE C 185 -8.41 1.93 19.31
C ILE C 185 -8.30 2.26 20.81
N HIS C 186 -7.73 1.34 21.57
CA HIS C 186 -7.53 1.53 23.01
C HIS C 186 -6.82 2.85 23.28
N LEU C 187 -5.71 3.07 22.60
CA LEU C 187 -4.92 4.29 22.75
C LEU C 187 -5.73 5.54 22.44
N MET C 188 -6.54 5.47 21.39
CA MET C 188 -7.30 6.64 20.95
C MET C 188 -8.44 6.98 21.90
N ALA C 189 -9.13 5.94 22.38
CA ALA C 189 -10.16 6.14 23.40
C ALA C 189 -9.51 6.74 24.65
N LYS C 190 -8.37 6.18 25.03
CA LYS C 190 -7.64 6.67 26.20
C LYS C 190 -7.32 8.15 26.01
N ALA C 191 -7.07 8.54 24.77
CA ALA C 191 -6.73 9.92 24.44
C ALA C 191 -7.95 10.86 24.50
N GLY C 192 -9.14 10.29 24.65
CA GLY C 192 -10.35 11.09 24.77
C GLY C 192 -11.09 11.31 23.46
N LEU C 193 -10.67 10.62 22.41
CA LEU C 193 -11.36 10.73 21.13
C LEU C 193 -12.75 10.12 21.19
N THR C 194 -13.71 10.79 20.57
CA THR C 194 -15.04 10.21 20.42
C THR C 194 -14.93 8.96 19.58
N LEU C 195 -15.99 8.16 19.55
CA LEU C 195 -15.97 6.94 18.74
C LEU C 195 -15.78 7.28 17.26
N GLN C 196 -16.51 8.28 16.78
CA GLN C 196 -16.38 8.74 15.40
C GLN C 196 -14.95 9.17 15.10
N GLN C 197 -14.35 9.89 16.04
CA GLN C 197 -12.97 10.36 15.89
C GLN C 197 -11.99 9.20 15.87
N GLN C 198 -12.24 8.21 16.73
CA GLN C 198 -11.41 7.02 16.80
C GLN C 198 -11.35 6.28 15.46
N HIS C 199 -12.51 6.01 14.87
CA HIS C 199 -12.59 5.30 13.59
CA HIS C 199 -12.51 5.26 13.61
C HIS C 199 -11.97 6.09 12.45
N GLN C 200 -12.13 7.40 12.52
CA GLN C 200 -11.58 8.27 11.49
C GLN C 200 -10.06 8.29 11.58
N ARG C 201 -9.55 8.32 12.82
CA ARG C 201 -8.11 8.37 12.99
C ARG C 201 -7.49 7.02 12.67
N LEU C 202 -8.22 5.95 13.01
CA LEU C 202 -7.75 4.61 12.68
C LEU C 202 -7.57 4.50 11.18
N ALA C 203 -8.56 4.94 10.42
CA ALA C 203 -8.50 4.88 8.96
C ALA C 203 -7.37 5.75 8.43
N GLN C 204 -7.26 6.96 8.98
CA GLN C 204 -6.21 7.91 8.58
C GLN C 204 -4.84 7.27 8.73
N LEU C 205 -4.60 6.63 9.88
CA LEU C 205 -3.31 5.99 10.10
C LEU C 205 -3.09 4.88 9.08
N LEU C 206 -4.12 4.08 8.84
CA LEU C 206 -3.99 2.92 7.97
C LEU C 206 -3.78 3.27 6.49
N LEU C 207 -4.41 4.36 6.02
CA LEU C 207 -4.24 4.77 4.64
C LEU C 207 -2.80 5.19 4.41
N ILE C 208 -2.16 5.67 5.46
CA ILE C 208 -0.76 6.07 5.35
C ILE C 208 0.12 4.86 5.01
N LEU C 209 -0.28 3.68 5.47
CA LEU C 209 0.46 2.47 5.16
C LEU C 209 0.48 2.16 3.66
N SER C 210 -0.58 2.56 2.96
CA SER C 210 -0.61 2.43 1.52
C SER C 210 0.47 3.32 0.92
N HIS C 211 0.60 4.52 1.45
CA HIS C 211 1.62 5.46 0.97
C HIS C 211 3.01 4.95 1.29
N ILE C 212 3.16 4.38 2.48
CA ILE C 212 4.44 3.79 2.81
C ILE C 212 4.78 2.61 1.87
N ARG C 213 3.81 1.75 1.59
CA ARG C 213 4.02 0.68 0.63
C ARG C 213 4.47 1.22 -0.73
N HIS C 214 3.86 2.31 -1.16
CA HIS C 214 4.20 2.94 -2.44
C HIS C 214 5.64 3.42 -2.44
N MET C 215 6.03 4.11 -1.37
CA MET C 215 7.38 4.64 -1.27
C MET C 215 8.42 3.52 -1.28
N SER C 216 8.12 2.42 -0.59
CA SER C 216 9.02 1.28 -0.56
C SER C 216 9.21 0.68 -1.97
N ASN C 217 8.11 0.47 -2.69
CA ASN C 217 8.15 -0.06 -4.05
C ASN C 217 8.99 0.83 -4.96
N LYS C 218 8.76 2.13 -4.86
CA LYS C 218 9.50 3.09 -5.67
C LYS C 218 10.99 3.09 -5.29
N GLY C 219 11.27 2.97 -3.99
CA GLY C 219 12.66 2.92 -3.53
C GLY C 219 13.35 1.65 -4.01
N MET C 220 12.65 0.53 -3.91
CA MET C 220 13.21 -0.75 -4.31
C MET C 220 13.65 -0.74 -5.78
N GLU C 221 12.86 -0.11 -6.64
CA GLU C 221 13.22 -0.04 -8.04
C GLU C 221 14.46 0.83 -8.24
N HIS C 222 14.50 1.97 -7.55
CA HIS C 222 15.66 2.86 -7.59
C HIS C 222 16.92 2.13 -7.12
N LEU C 223 16.77 1.36 -6.04
CA LEU C 223 17.91 0.62 -5.49
C LEU C 223 18.41 -0.45 -6.46
N TYR C 224 17.48 -1.13 -7.12
CA TYR C 224 17.86 -2.12 -8.12
C TYR C 224 18.67 -1.45 -9.21
N SER C 225 18.32 -0.20 -9.50
CA SER C 225 19.03 0.60 -10.48
C SER C 225 20.42 0.97 -9.96
N MET C 226 20.48 1.45 -8.72
CA MET C 226 21.74 1.83 -8.10
C MET C 226 22.74 0.68 -8.14
N LYS C 227 22.30 -0.48 -7.65
CA LYS C 227 23.11 -1.69 -7.69
C LYS C 227 23.71 -1.91 -9.08
N CYS C 228 22.85 -1.99 -10.08
CA CYS C 228 23.27 -2.25 -11.45
C CYS C 228 24.34 -1.28 -11.93
N LYS C 229 24.19 -0.01 -11.58
CA LYS C 229 25.18 1.00 -11.91
C LYS C 229 26.57 0.55 -11.44
N ASN C 230 26.60 -0.17 -10.31
CA ASN C 230 27.83 -0.74 -9.77
C ASN C 230 28.66 0.24 -8.97
N VAL C 231 28.13 1.45 -8.76
CA VAL C 231 28.75 2.39 -7.82
C VAL C 231 28.01 2.28 -6.50
N VAL C 232 28.52 2.95 -5.47
CA VAL C 232 27.99 2.81 -4.11
C VAL C 232 27.75 1.34 -3.75
N PRO C 233 28.63 0.79 -2.90
CA PRO C 233 28.62 -0.64 -2.61
C PRO C 233 27.46 -1.02 -1.70
N LEU C 234 26.75 -2.08 -2.06
CA LEU C 234 25.70 -2.64 -1.22
C LEU C 234 26.28 -3.73 -0.35
N SER C 235 25.85 -3.76 0.91
CA SER C 235 26.28 -4.81 1.83
C SER C 235 25.67 -6.14 1.39
N ASP C 236 26.25 -7.24 1.84
CA ASP C 236 25.78 -8.57 1.47
C ASP C 236 24.31 -8.80 1.86
N LEU C 237 23.95 -8.43 3.09
CA LEU C 237 22.57 -8.57 3.56
C LEU C 237 21.60 -7.74 2.72
N LEU C 238 22.00 -6.51 2.42
CA LEU C 238 21.18 -5.62 1.61
C LEU C 238 20.93 -6.21 0.21
N LEU C 239 21.98 -6.75 -0.40
CA LEU C 239 21.86 -7.39 -1.70
C LEU C 239 20.82 -8.51 -1.63
N GLU C 240 20.89 -9.30 -0.57
CA GLU C 240 19.98 -10.42 -0.38
C GLU C 240 18.53 -9.95 -0.16
N MET C 241 18.36 -8.91 0.64
CA MET C 241 17.04 -8.34 0.91
C MET C 241 16.44 -7.74 -0.35
N LEU C 242 17.28 -7.06 -1.11
CA LEU C 242 16.85 -6.49 -2.38
C LEU C 242 16.44 -7.58 -3.34
N ASP C 243 17.31 -8.58 -3.51
CA ASP C 243 17.04 -9.70 -4.41
C ASP C 243 15.69 -10.37 -4.15
N ALA C 244 15.29 -10.41 -2.89
CA ALA C 244 14.00 -10.99 -2.50
C ALA C 244 12.85 -10.41 -3.32
N HIS C 245 12.92 -9.11 -3.59
CA HIS C 245 11.90 -8.45 -4.39
C HIS C 245 12.11 -8.67 -5.89
N ARG C 246 13.18 -9.38 -6.24
CA ARG C 246 13.49 -9.71 -7.62
C ARG C 246 13.75 -8.46 -8.46
N LYS D 2 20.58 -18.21 3.60
CA LYS D 2 20.35 -16.77 3.69
C LYS D 2 20.86 -16.18 4.99
N ILE D 3 21.51 -15.03 4.91
CA ILE D 3 21.94 -14.32 6.11
C ILE D 3 20.75 -14.07 7.03
N LEU D 4 19.68 -13.49 6.47
CA LEU D 4 18.49 -13.19 7.23
C LEU D 4 17.99 -14.42 7.99
N HIS D 5 17.94 -15.54 7.29
CA HIS D 5 17.56 -16.82 7.88
C HIS D 5 18.49 -17.14 9.05
N ARG D 6 19.78 -17.05 8.78
CA ARG D 6 20.77 -17.28 9.83
C ARG D 6 20.52 -16.38 11.04
N LEU D 7 20.48 -15.07 10.82
CA LEU D 7 20.36 -14.12 11.92
C LEU D 7 19.04 -14.27 12.68
N LEU D 8 17.99 -14.64 11.98
CA LEU D 8 16.71 -14.92 12.63
C LEU D 8 16.85 -16.13 13.55
N GLN D 9 17.61 -17.12 13.10
CA GLN D 9 17.73 -18.38 13.82
C GLN D 9 18.43 -18.26 15.18
N ASP D 10 19.51 -17.49 15.24
CA ASP D 10 20.21 -17.29 16.51
C ASP D 10 19.63 -16.09 17.26
#